data_7RGC
#
_entry.id   7RGC
#
_cell.length_a   151.797
_cell.length_b   151.797
_cell.length_c   118.439
_cell.angle_alpha   90.000
_cell.angle_beta   90.000
_cell.angle_gamma   120.000
#
_symmetry.space_group_name_H-M   'H 3 2'
#
loop_
_entity.id
_entity.type
_entity.pdbx_description
1 polymer 'Triosephosphate isomerase'
2 water water
#
_entity_poly.entity_id   1
_entity_poly.type   'polypeptide(L)'
_entity_poly.pdbx_seq_one_letter_code
;SHMKYLIGANFKMYKSHKDLQEYFDQFVNNYACFVNIDLMIAPMTVCLGTASEMTKDSCVHLGAQNMHYEDQGAYTGETS
PLILKELGAEYVIIGHSERRQYFGETNQMINKKLKSALQHGIRPILCIGENLEQKELGISKETLKIQLREALQGIDTLDQ
IDVAYEPVRAIGTGKSATPEEVQDIHEYIRSVLGNEKSRIIYGGSVNDTNADILIAQPAVNGFLIGSASLDPQKFLKILD
VVSKKNK
;
_entity_poly.pdbx_strand_id   A,B
#
# COMPACT_ATOMS: atom_id res chain seq x y z
N SER A 1 -14.71 -17.58 17.03
CA SER A 1 -15.46 -18.58 16.25
C SER A 1 -16.94 -18.17 16.22
N HIS A 2 -17.41 -17.53 17.28
CA HIS A 2 -18.67 -16.82 17.30
C HIS A 2 -18.60 -15.50 16.57
N MET A 3 -17.47 -15.24 15.91
CA MET A 3 -17.16 -13.91 15.45
C MET A 3 -16.55 -13.95 14.06
N LYS A 4 -17.01 -13.04 13.21
CA LYS A 4 -16.33 -12.76 11.96
C LYS A 4 -15.57 -11.45 12.14
N TYR A 5 -14.33 -11.43 11.67
CA TYR A 5 -13.53 -10.21 11.76
C TYR A 5 -14.07 -9.19 10.78
N LEU A 6 -14.04 -7.91 11.17
CA LEU A 6 -14.50 -6.82 10.31
C LEU A 6 -13.26 -6.05 9.86
N ILE A 7 -13.03 -5.98 8.56
CA ILE A 7 -11.91 -5.22 8.02
C ILE A 7 -12.43 -4.23 6.99
N GLY A 8 -12.30 -2.94 7.29
CA GLY A 8 -12.93 -1.89 6.51
C GLY A 8 -11.94 -0.93 5.93
N ALA A 9 -12.23 -0.45 4.73
CA ALA A 9 -11.44 0.60 4.10
C ALA A 9 -12.23 1.90 4.23
N ASN A 10 -11.66 2.87 4.94
CA ASN A 10 -12.20 4.22 4.96
C ASN A 10 -11.37 5.05 3.97
N PHE A 11 -11.90 5.23 2.76
CA PHE A 11 -11.19 6.01 1.74
C PHE A 11 -11.12 7.49 2.10
N LYS A 12 -11.95 7.95 3.04
CA LYS A 12 -12.06 9.37 3.37
C LYS A 12 -12.34 10.15 2.09
N MET A 13 -11.77 11.33 1.94
CA MET A 13 -12.07 12.18 0.77
C MET A 13 -11.01 11.98 -0.32
N TYR A 14 -10.97 10.74 -0.83
CA TYR A 14 -9.99 10.35 -1.83
C TYR A 14 -10.65 9.53 -2.93
N LYS A 15 -10.04 9.61 -4.12
CA LYS A 15 -10.32 8.87 -5.35
C LYS A 15 -11.39 9.52 -6.20
N SER A 16 -11.04 9.78 -7.46
CA SER A 16 -11.99 10.15 -8.49
C SER A 16 -12.91 8.96 -8.81
N HIS A 17 -13.85 9.19 -9.74
CA HIS A 17 -14.69 8.09 -10.21
C HIS A 17 -13.87 7.02 -10.93
N LYS A 18 -12.77 7.42 -11.58
CA LYS A 18 -11.95 6.48 -12.33
C LYS A 18 -11.01 5.70 -11.42
N ASP A 19 -10.39 6.37 -10.45
CA ASP A 19 -9.61 5.65 -9.44
C ASP A 19 -10.48 4.62 -8.74
N LEU A 20 -11.74 4.97 -8.44
CA LEU A 20 -12.65 4.04 -7.79
C LEU A 20 -12.96 2.85 -8.70
N GLN A 21 -13.02 3.07 -10.01
CA GLN A 21 -13.25 1.97 -10.94
C GLN A 21 -12.03 1.05 -11.02
N GLU A 22 -10.84 1.63 -11.17
CA GLU A 22 -9.61 0.83 -11.19
C GLU A 22 -9.46 0.03 -9.91
N TYR A 23 -9.90 0.58 -8.78
CA TYR A 23 -9.78 -0.12 -7.51
C TYR A 23 -10.67 -1.35 -7.46
N PHE A 24 -11.98 -1.16 -7.66
CA PHE A 24 -12.92 -2.26 -7.48
C PHE A 24 -12.68 -3.38 -8.48
N ASP A 25 -12.37 -3.04 -9.73
CA ASP A 25 -12.04 -4.07 -10.71
C ASP A 25 -10.86 -4.91 -10.22
N GLN A 26 -9.76 -4.24 -9.87
CA GLN A 26 -8.58 -4.93 -9.40
C GLN A 26 -8.85 -5.65 -8.08
N PHE A 27 -9.79 -5.14 -7.28
CA PHE A 27 -10.06 -5.73 -5.98
C PHE A 27 -11.04 -6.91 -6.07
N VAL A 28 -12.27 -6.66 -6.54
CA VAL A 28 -13.32 -7.68 -6.47
C VAL A 28 -12.87 -8.96 -7.16
N ASN A 29 -12.16 -8.85 -8.29
CA ASN A 29 -11.73 -10.01 -9.05
C ASN A 29 -10.56 -10.75 -8.42
N ASN A 30 -9.95 -10.19 -7.36
CA ASN A 30 -8.78 -10.82 -6.78
C ASN A 30 -8.88 -11.07 -5.28
N TYR A 31 -9.97 -10.66 -4.63
CA TYR A 31 -10.08 -10.86 -3.19
C TYR A 31 -10.85 -12.15 -2.92
N ALA A 32 -10.27 -13.01 -2.07
CA ALA A 32 -10.69 -14.40 -1.93
C ALA A 32 -11.98 -14.58 -1.14
N CYS A 33 -12.61 -13.52 -0.64
CA CYS A 33 -13.88 -13.61 0.09
C CYS A 33 -13.80 -14.54 1.30
N PHE A 34 -12.76 -14.36 2.11
CA PHE A 34 -12.55 -15.21 3.29
C PHE A 34 -13.80 -15.29 4.15
N VAL A 35 -14.12 -16.50 4.60
CA VAL A 35 -15.37 -16.71 5.33
C VAL A 35 -15.31 -16.09 6.71
N ASN A 36 -14.10 -15.95 7.28
CA ASN A 36 -13.92 -15.39 8.60
C ASN A 36 -13.97 -13.86 8.64
N ILE A 37 -14.04 -13.19 7.49
CA ILE A 37 -13.84 -11.75 7.38
C ILE A 37 -15.07 -11.11 6.75
N ASP A 38 -15.61 -10.08 7.41
CA ASP A 38 -16.55 -9.15 6.78
C ASP A 38 -15.72 -8.04 6.16
N LEU A 39 -15.71 -7.95 4.82
CA LEU A 39 -14.89 -6.96 4.15
C LEU A 39 -15.78 -5.79 3.74
N MET A 40 -15.33 -4.58 4.09
CA MET A 40 -16.13 -3.37 4.01
C MET A 40 -15.28 -2.31 3.31
N ILE A 41 -15.87 -1.62 2.33
CA ILE A 41 -15.20 -0.51 1.67
C ILE A 41 -16.15 0.68 1.69
N ALA A 42 -15.62 1.83 2.08
CA ALA A 42 -16.39 3.02 2.33
C ALA A 42 -15.75 4.11 1.48
N PRO A 43 -16.24 4.31 0.26
CA PRO A 43 -15.76 5.39 -0.58
C PRO A 43 -16.52 6.69 -0.28
N MET A 44 -16.14 7.75 -0.98
CA MET A 44 -16.79 9.04 -0.84
C MET A 44 -18.29 8.91 -1.12
N THR A 45 -19.08 9.69 -0.39
CA THR A 45 -20.53 9.58 -0.48
C THR A 45 -21.02 9.80 -1.92
N VAL A 46 -20.38 10.73 -2.64
CA VAL A 46 -20.77 11.03 -4.02
C VAL A 46 -20.45 9.87 -4.97
N CYS A 47 -19.56 8.95 -4.59
CA CYS A 47 -19.22 7.80 -5.42
C CYS A 47 -19.92 6.52 -4.96
N LEU A 48 -20.89 6.61 -4.05
CA LEU A 48 -21.54 5.41 -3.53
C LEU A 48 -22.40 4.72 -4.59
N GLY A 49 -22.96 5.47 -5.53
CA GLY A 49 -23.73 4.84 -6.60
C GLY A 49 -22.85 4.00 -7.52
N THR A 50 -21.74 4.57 -7.98
CA THR A 50 -20.73 3.82 -8.72
C THR A 50 -20.30 2.58 -7.93
N ALA A 51 -19.90 2.77 -6.67
CA ALA A 51 -19.35 1.69 -5.87
C ALA A 51 -20.35 0.55 -5.73
N SER A 52 -21.62 0.87 -5.46
CA SER A 52 -22.61 -0.19 -5.28
C SER A 52 -22.81 -0.98 -6.57
N GLU A 53 -22.81 -0.30 -7.71
CA GLU A 53 -22.88 -1.02 -8.99
C GLU A 53 -21.74 -2.02 -9.11
N MET A 54 -20.56 -1.69 -8.60
CA MET A 54 -19.41 -2.57 -8.76
C MET A 54 -19.36 -3.70 -7.73
N THR A 55 -20.19 -3.66 -6.68
CA THR A 55 -20.11 -4.67 -5.63
C THR A 55 -21.42 -5.44 -5.40
N LYS A 56 -22.49 -5.12 -6.12
CA LYS A 56 -23.59 -6.06 -6.22
C LYS A 56 -23.07 -7.36 -6.84
N ASP A 57 -23.56 -8.49 -6.33
CA ASP A 57 -23.08 -9.81 -6.78
C ASP A 57 -21.58 -9.96 -6.49
N SER A 58 -21.19 -9.56 -5.28
CA SER A 58 -19.81 -9.61 -4.81
C SER A 58 -19.86 -9.77 -3.30
N CYS A 59 -18.73 -10.18 -2.71
CA CYS A 59 -18.68 -10.32 -1.26
C CYS A 59 -18.30 -9.02 -0.55
N VAL A 60 -17.88 -7.99 -1.27
CA VAL A 60 -17.54 -6.72 -0.63
C VAL A 60 -18.82 -6.06 -0.13
N HIS A 61 -18.88 -5.79 1.18
CA HIS A 61 -19.94 -4.99 1.77
C HIS A 61 -19.66 -3.51 1.57
N LEU A 62 -20.66 -2.77 1.12
CA LEU A 62 -20.52 -1.32 0.94
C LEU A 62 -20.72 -0.59 2.25
N GLY A 63 -19.83 0.36 2.55
CA GLY A 63 -20.00 1.25 3.68
C GLY A 63 -20.08 2.71 3.27
N ALA A 64 -20.84 3.50 4.04
CA ALA A 64 -20.88 4.95 3.95
C ALA A 64 -20.05 5.56 5.07
N GLN A 65 -19.42 6.69 4.77
CA GLN A 65 -18.51 7.35 5.72
C GLN A 65 -19.22 8.25 6.72
N ASN A 66 -20.53 8.46 6.56
CA ASN A 66 -21.33 9.31 7.44
C ASN A 66 -22.77 9.20 6.95
N MET A 67 -23.70 9.55 7.81
CA MET A 67 -25.08 9.66 7.36
C MET A 67 -25.84 10.51 8.37
N HIS A 68 -27.06 10.86 8.01
CA HIS A 68 -27.93 11.66 8.85
C HIS A 68 -28.89 10.74 9.60
N TYR A 69 -29.54 11.28 10.62
CA TYR A 69 -30.40 10.42 11.43
C TYR A 69 -31.85 10.43 10.99
N GLU A 70 -32.26 11.39 10.15
CA GLU A 70 -33.60 11.41 9.59
C GLU A 70 -33.63 10.77 8.21
N ASP A 71 -34.81 10.27 7.84
CA ASP A 71 -34.99 9.59 6.56
C ASP A 71 -35.09 10.57 5.39
N GLN A 72 -35.78 11.70 5.62
CA GLN A 72 -36.06 12.75 4.65
C GLN A 72 -36.07 14.08 5.40
N GLY A 73 -35.87 15.16 4.66
CA GLY A 73 -36.23 16.44 5.23
C GLY A 73 -35.24 17.53 4.90
N ALA A 74 -35.44 18.64 5.59
CA ALA A 74 -34.75 19.90 5.33
C ALA A 74 -33.36 19.87 5.96
N TYR A 75 -32.49 19.04 5.40
CA TYR A 75 -31.14 18.90 5.92
C TYR A 75 -30.18 19.06 4.75
N THR A 76 -30.02 20.30 4.29
CA THR A 76 -29.20 20.59 3.12
C THR A 76 -27.81 19.98 3.29
N GLY A 77 -27.38 19.22 2.28
CA GLY A 77 -26.07 18.60 2.25
C GLY A 77 -25.95 17.28 2.97
N GLU A 78 -27.04 16.72 3.51
CA GLU A 78 -26.99 15.49 4.29
C GLU A 78 -27.39 14.30 3.43
N THR A 79 -27.02 13.10 3.91
CA THR A 79 -27.25 11.85 3.19
C THR A 79 -28.33 11.05 3.91
N SER A 80 -29.38 10.66 3.20
CA SER A 80 -30.43 9.95 3.90
C SER A 80 -30.09 8.47 4.07
N PRO A 81 -30.36 7.89 5.24
CA PRO A 81 -30.16 6.43 5.39
C PRO A 81 -31.01 5.61 4.43
N LEU A 82 -32.14 6.15 3.96
CA LEU A 82 -32.96 5.44 2.97
C LEU A 82 -32.21 5.29 1.66
N ILE A 83 -31.50 6.33 1.23
CA ILE A 83 -30.72 6.21 0.00
C ILE A 83 -29.62 5.17 0.19
N LEU A 84 -28.95 5.19 1.35
CA LEU A 84 -27.94 4.17 1.63
C LEU A 84 -28.54 2.77 1.54
N LYS A 85 -29.73 2.57 2.10
CA LYS A 85 -30.32 1.24 2.06
C LYS A 85 -30.68 0.84 0.63
N GLU A 86 -31.24 1.77 -0.16
CA GLU A 86 -31.58 1.42 -1.54
C GLU A 86 -30.33 1.06 -2.33
N LEU A 87 -29.22 1.75 -2.05
CA LEU A 87 -27.93 1.50 -2.70
C LEU A 87 -27.26 0.21 -2.22
N GLY A 88 -27.74 -0.41 -1.16
CA GLY A 88 -27.13 -1.61 -0.63
C GLY A 88 -26.03 -1.40 0.39
N ALA A 89 -25.91 -0.19 0.93
CA ALA A 89 -24.98 0.05 2.04
C ALA A 89 -25.36 -0.81 3.22
N GLU A 90 -24.38 -1.55 3.74
CA GLU A 90 -24.59 -2.38 4.92
C GLU A 90 -23.92 -1.84 6.16
N TYR A 91 -22.88 -1.01 6.00
CA TYR A 91 -22.16 -0.37 7.08
C TYR A 91 -22.25 1.15 6.96
N VAL A 92 -22.10 1.83 8.09
CA VAL A 92 -21.91 3.29 8.08
C VAL A 92 -20.93 3.63 9.18
N ILE A 93 -19.98 4.50 8.88
CA ILE A 93 -19.02 4.98 9.87
C ILE A 93 -19.65 6.18 10.58
N ILE A 94 -19.81 6.07 11.90
CA ILE A 94 -20.46 7.11 12.72
C ILE A 94 -19.45 7.72 13.68
N GLY A 95 -19.39 9.03 13.71
CA GLY A 95 -18.62 9.69 14.74
C GLY A 95 -17.12 9.65 14.53
N HIS A 96 -16.65 9.53 13.29
CA HIS A 96 -15.23 9.60 13.03
C HIS A 96 -14.64 10.86 13.65
N SER A 97 -13.43 10.73 14.20
CA SER A 97 -12.77 11.85 14.86
C SER A 97 -12.72 13.09 13.96
N GLU A 98 -12.60 12.91 12.65
CA GLU A 98 -12.54 14.08 11.77
C GLU A 98 -13.85 14.86 11.81
N ARG A 99 -14.99 14.17 11.86
CA ARG A 99 -16.27 14.86 11.97
C ARG A 99 -16.42 15.56 13.31
N ARG A 100 -16.00 14.89 14.40
CA ARG A 100 -16.08 15.46 15.73
C ARG A 100 -15.37 16.80 15.80
N GLN A 101 -14.16 16.90 15.24
CA GLN A 101 -13.43 18.15 15.39
C GLN A 101 -13.91 19.20 14.40
N TYR A 102 -14.12 18.83 13.14
CA TYR A 102 -14.38 19.81 12.08
C TYR A 102 -15.85 20.19 11.93
N PHE A 103 -16.75 19.20 11.88
CA PHE A 103 -18.10 19.42 11.36
C PHE A 103 -19.17 19.11 12.39
N GLY A 104 -18.84 19.30 13.67
CA GLY A 104 -19.77 19.17 14.75
C GLY A 104 -20.59 17.89 14.83
N GLU A 105 -19.94 16.74 14.93
CA GLU A 105 -20.61 15.58 15.50
C GLU A 105 -20.57 15.75 17.01
N THR A 106 -21.73 15.79 17.63
CA THR A 106 -21.81 15.64 19.07
C THR A 106 -22.18 14.21 19.39
N ASN A 107 -21.91 13.83 20.63
CA ASN A 107 -22.37 12.52 21.09
C ASN A 107 -23.87 12.40 20.98
N GLN A 108 -24.60 13.52 21.04
CA GLN A 108 -26.05 13.42 20.92
C GLN A 108 -26.44 13.10 19.48
N MET A 109 -25.79 13.75 18.51
CA MET A 109 -26.03 13.44 17.12
C MET A 109 -25.64 11.99 16.80
N ILE A 110 -24.43 11.60 17.21
CA ILE A 110 -23.95 10.23 17.02
C ILE A 110 -24.99 9.23 17.52
N ASN A 111 -25.59 9.52 18.67
CA ASN A 111 -26.59 8.63 19.27
C ASN A 111 -27.80 8.45 18.37
N LYS A 112 -28.32 9.55 17.81
CA LYS A 112 -29.45 9.44 16.90
C LYS A 112 -29.07 8.72 15.60
N LYS A 113 -27.83 8.91 15.13
CA LYS A 113 -27.36 8.19 13.96
C LYS A 113 -27.27 6.69 14.20
N LEU A 114 -26.78 6.26 15.38
CA LEU A 114 -26.71 4.83 15.64
C LEU A 114 -28.11 4.24 15.76
N LYS A 115 -29.03 4.96 16.39
CA LYS A 115 -30.42 4.50 16.46
C LYS A 115 -31.04 4.41 15.07
N SER A 116 -30.74 5.37 14.21
CA SER A 116 -31.27 5.34 12.85
C SER A 116 -30.72 4.16 12.06
N ALA A 117 -29.39 4.03 12.03
CA ALA A 117 -28.77 2.92 11.33
C ALA A 117 -29.35 1.58 11.77
N LEU A 118 -29.63 1.44 13.07
CA LEU A 118 -30.20 0.17 13.54
C LEU A 118 -31.62 -0.02 13.05
N GLN A 119 -32.42 1.05 13.04
CA GLN A 119 -33.80 0.91 12.57
C GLN A 119 -33.85 0.47 11.12
N HIS A 120 -32.83 0.83 10.33
CA HIS A 120 -32.76 0.49 8.91
C HIS A 120 -31.91 -0.74 8.62
N GLY A 121 -31.39 -1.41 9.64
CA GLY A 121 -30.53 -2.56 9.35
C GLY A 121 -29.21 -2.23 8.69
N ILE A 122 -28.73 -1.00 8.82
CA ILE A 122 -27.37 -0.65 8.47
C ILE A 122 -26.52 -0.83 9.72
N ARG A 123 -25.42 -1.54 9.60
CA ARG A 123 -24.58 -1.83 10.74
C ARG A 123 -23.64 -0.65 10.96
N PRO A 124 -23.69 0.03 12.10
CA PRO A 124 -22.84 1.20 12.31
C PRO A 124 -21.51 0.85 12.93
N ILE A 125 -20.49 1.64 12.58
CA ILE A 125 -19.16 1.53 13.18
C ILE A 125 -18.91 2.81 13.98
N LEU A 126 -19.10 2.73 15.30
CA LEU A 126 -18.87 3.87 16.16
C LEU A 126 -17.37 4.12 16.35
N CYS A 127 -16.91 5.33 16.04
CA CYS A 127 -15.50 5.68 16.14
C CYS A 127 -15.28 6.39 17.46
N ILE A 128 -14.43 5.81 18.31
CA ILE A 128 -14.02 6.42 19.56
C ILE A 128 -12.49 6.50 19.58
N GLY A 129 -11.98 7.40 20.40
CA GLY A 129 -10.54 7.60 20.48
C GLY A 129 -10.15 8.78 21.35
N GLU A 130 -9.07 8.62 22.11
CA GLU A 130 -8.51 9.68 22.93
C GLU A 130 -7.42 10.43 22.17
N ASN A 131 -7.22 11.70 22.56
CA ASN A 131 -6.15 12.51 22.01
C ASN A 131 -4.90 12.40 22.88
N LEU A 132 -3.82 13.03 22.41
CA LEU A 132 -2.52 12.82 23.05
C LEU A 132 -2.49 13.40 24.45
N GLU A 133 -3.13 14.56 24.67
CA GLU A 133 -3.21 15.10 26.02
C GLU A 133 -3.93 14.14 26.95
N GLN A 134 -4.98 13.47 26.45
CA GLN A 134 -5.73 12.57 27.32
C GLN A 134 -4.95 11.30 27.63
N LYS A 135 -4.12 10.83 26.70
CA LYS A 135 -3.25 9.71 27.06
C LYS A 135 -2.10 10.18 27.95
N GLU A 136 -1.54 11.36 27.66
CA GLU A 136 -0.45 11.85 28.49
C GLU A 136 -0.91 12.07 29.94
N LEU A 137 -2.15 12.55 30.11
CA LEU A 137 -2.71 12.71 31.45
C LEU A 137 -3.00 11.37 32.12
N GLY A 138 -3.26 10.34 31.32
CA GLY A 138 -3.59 9.04 31.82
C GLY A 138 -5.08 8.78 31.98
N ILE A 139 -5.88 9.32 31.06
CA ILE A 139 -7.33 9.23 31.17
C ILE A 139 -7.88 8.71 29.85
N SER A 140 -7.06 7.92 29.15
CA SER A 140 -7.47 7.33 27.87
C SER A 140 -8.73 6.49 28.03
N LYS A 141 -8.72 5.58 28.99
CA LYS A 141 -9.86 4.68 29.16
C LYS A 141 -11.09 5.45 29.62
N GLU A 142 -10.94 6.34 30.60
CA GLU A 142 -12.09 7.10 31.05
C GLU A 142 -12.67 7.92 29.90
N THR A 143 -11.82 8.42 29.03
CA THR A 143 -12.28 9.20 27.88
C THR A 143 -13.15 8.36 26.95
N LEU A 144 -12.74 7.11 26.71
CA LEU A 144 -13.48 6.24 25.80
C LEU A 144 -14.82 5.81 26.40
N LYS A 145 -14.84 5.57 27.72
CA LYS A 145 -16.09 5.16 28.35
C LYS A 145 -17.12 6.28 28.26
N ILE A 146 -16.68 7.52 28.38
CA ILE A 146 -17.60 8.65 28.23
C ILE A 146 -18.16 8.66 26.82
N GLN A 147 -17.28 8.63 25.82
CA GLN A 147 -17.72 8.58 24.42
C GLN A 147 -18.70 7.44 24.18
N LEU A 148 -18.38 6.25 24.69
CA LEU A 148 -19.23 5.10 24.39
C LEU A 148 -20.58 5.24 25.08
N ARG A 149 -20.58 5.59 26.36
CA ARG A 149 -21.82 5.65 27.11
C ARG A 149 -22.75 6.74 26.57
N GLU A 150 -22.19 7.90 26.24
CA GLU A 150 -23.02 8.97 25.72
C GLU A 150 -23.57 8.62 24.34
N ALA A 151 -22.79 7.89 23.55
CA ALA A 151 -23.20 7.53 22.20
C ALA A 151 -24.23 6.41 22.18
N LEU A 152 -24.27 5.57 23.21
CA LEU A 152 -25.06 4.35 23.19
C LEU A 152 -26.29 4.39 24.08
N GLN A 153 -26.59 5.53 24.72
CA GLN A 153 -27.69 5.56 25.67
C GLN A 153 -29.01 5.18 25.01
N GLY A 154 -29.80 4.40 25.73
CA GLY A 154 -31.10 3.93 25.28
C GLY A 154 -31.08 2.89 24.18
N ILE A 155 -29.91 2.47 23.72
CA ILE A 155 -29.80 1.42 22.71
C ILE A 155 -29.73 0.08 23.42
N ASP A 156 -30.75 -0.76 23.23
CA ASP A 156 -30.86 -2.01 23.99
C ASP A 156 -30.07 -3.16 23.40
N THR A 157 -29.66 -3.10 22.14
CA THR A 157 -28.97 -4.24 21.53
C THR A 157 -27.61 -3.75 21.02
N LEU A 158 -26.66 -3.62 21.95
CA LEU A 158 -25.32 -3.19 21.61
C LEU A 158 -24.61 -4.16 20.68
N ASP A 159 -25.07 -5.42 20.65
CA ASP A 159 -24.47 -6.43 19.77
C ASP A 159 -24.58 -6.08 18.30
N GLN A 160 -25.49 -5.16 17.94
CA GLN A 160 -25.72 -4.69 16.58
C GLN A 160 -24.73 -3.65 16.12
N ILE A 161 -23.78 -3.26 16.96
CA ILE A 161 -22.94 -2.09 16.72
C ILE A 161 -21.50 -2.54 16.84
N ASP A 162 -20.67 -2.11 15.89
CA ASP A 162 -19.24 -2.34 15.98
C ASP A 162 -18.57 -1.04 16.40
N VAL A 163 -17.33 -1.14 16.89
CA VAL A 163 -16.59 0.02 17.38
C VAL A 163 -15.21 0.03 16.74
N ALA A 164 -14.81 1.17 16.21
CA ALA A 164 -13.44 1.36 15.75
C ALA A 164 -12.73 2.26 16.74
N TYR A 165 -11.63 1.77 17.30
CA TYR A 165 -10.80 2.58 18.19
C TYR A 165 -9.62 3.14 17.41
N GLU A 166 -9.48 4.45 17.43
CA GLU A 166 -8.31 5.08 16.83
C GLU A 166 -7.82 6.22 17.72
N PRO A 167 -6.58 6.15 18.22
CA PRO A 167 -6.03 7.30 18.94
C PRO A 167 -6.04 8.53 18.04
N VAL A 168 -6.58 9.61 18.57
CA VAL A 168 -6.64 10.88 17.81
C VAL A 168 -5.28 11.58 17.99
N ARG A 169 -4.58 11.76 16.87
CA ARG A 169 -3.23 12.33 16.85
C ARG A 169 -3.07 13.16 15.59
N ALA A 170 -2.05 14.03 15.59
CA ALA A 170 -1.73 14.82 14.41
C ALA A 170 -1.19 13.95 13.28
N ILE A 171 -1.34 14.45 12.06
CA ILE A 171 -0.97 13.67 10.88
C ILE A 171 0.54 13.69 10.67
N THR A 178 1.14 0.45 20.70
CA THR A 178 1.74 -0.88 20.78
C THR A 178 0.65 -1.96 20.83
N PRO A 179 0.96 -3.16 20.33
CA PRO A 179 -0.08 -4.19 20.22
C PRO A 179 -0.71 -4.57 21.55
N GLU A 180 0.11 -4.71 22.60
CA GLU A 180 -0.44 -5.02 23.91
C GLU A 180 -1.25 -3.84 24.45
N GLU A 181 -0.80 -2.61 24.16
CA GLU A 181 -1.60 -1.44 24.53
C GLU A 181 -2.92 -1.41 23.79
N VAL A 182 -2.92 -1.81 22.51
CA VAL A 182 -4.19 -1.91 21.81
C VAL A 182 -5.09 -2.95 22.48
N GLN A 183 -4.53 -4.13 22.76
CA GLN A 183 -5.33 -5.19 23.38
C GLN A 183 -5.94 -4.68 24.69
N ASP A 184 -5.12 -4.05 25.53
CA ASP A 184 -5.58 -3.49 26.79
C ASP A 184 -6.75 -2.53 26.59
N ILE A 185 -6.64 -1.64 25.61
CA ILE A 185 -7.70 -0.69 25.34
C ILE A 185 -8.94 -1.41 24.83
N HIS A 186 -8.75 -2.34 23.87
CA HIS A 186 -9.89 -3.04 23.29
C HIS A 186 -10.58 -3.89 24.33
N GLU A 187 -9.80 -4.52 25.22
CA GLU A 187 -10.40 -5.34 26.27
C GLU A 187 -11.27 -4.49 27.19
N TYR A 188 -10.80 -3.28 27.51
CA TYR A 188 -11.61 -2.36 28.31
C TYR A 188 -12.88 -1.95 27.56
N ILE A 189 -12.76 -1.61 26.29
CA ILE A 189 -13.93 -1.27 25.47
C ILE A 189 -14.93 -2.42 25.47
N ARG A 190 -14.45 -3.66 25.37
CA ARG A 190 -15.34 -4.81 25.41
C ARG A 190 -16.18 -4.80 26.70
N SER A 191 -15.53 -4.53 27.84
CA SER A 191 -16.25 -4.48 29.12
C SER A 191 -17.29 -3.36 29.13
N VAL A 192 -16.96 -2.23 28.54
CA VAL A 192 -17.96 -1.15 28.43
C VAL A 192 -19.12 -1.59 27.55
N LEU A 193 -18.83 -2.28 26.45
CA LEU A 193 -19.91 -2.75 25.58
C LEU A 193 -20.75 -3.82 26.25
N GLY A 194 -20.13 -4.67 27.07
CA GLY A 194 -20.95 -5.63 27.79
C GLY A 194 -21.48 -6.76 26.94
N ASN A 195 -20.99 -6.89 25.70
CA ASN A 195 -21.17 -8.12 24.96
C ASN A 195 -19.95 -8.39 24.13
N GLU A 196 -19.87 -9.63 23.68
CA GLU A 196 -18.82 -10.16 22.81
C GLU A 196 -19.15 -10.05 21.32
N LYS A 197 -20.42 -9.85 20.96
CA LYS A 197 -20.73 -9.95 19.53
C LYS A 197 -20.25 -8.72 18.76
N SER A 198 -20.35 -7.53 19.35
CA SER A 198 -19.78 -6.32 18.74
C SER A 198 -18.31 -6.55 18.38
N ARG A 199 -17.93 -6.12 17.20
CA ARG A 199 -16.52 -6.15 16.78
C ARG A 199 -15.85 -4.86 17.22
N ILE A 200 -14.68 -4.98 17.80
CA ILE A 200 -13.87 -3.83 18.19
C ILE A 200 -12.69 -3.82 17.24
N ILE A 201 -12.72 -2.94 16.26
CA ILE A 201 -11.68 -2.94 15.24
C ILE A 201 -10.73 -1.78 15.51
N TYR A 202 -9.46 -1.99 15.20
CA TYR A 202 -8.43 -0.99 15.47
C TYR A 202 -8.29 -0.05 14.28
N GLY A 203 -8.28 1.25 14.54
CA GLY A 203 -8.14 2.20 13.45
C GLY A 203 -6.80 2.92 13.44
N GLY A 204 -5.91 2.56 14.34
CA GLY A 204 -4.57 3.14 14.31
C GLY A 204 -3.76 2.56 13.16
N SER A 205 -2.45 2.75 13.24
CA SER A 205 -1.56 2.29 12.17
C SER A 205 -1.65 0.79 11.99
N VAL A 206 -2.03 0.36 10.77
CA VAL A 206 -2.11 -1.05 10.38
C VAL A 206 -1.54 -1.18 8.99
N ASN A 207 -0.35 -1.72 8.91
CA ASN A 207 0.29 -2.20 7.72
C ASN A 207 0.40 -3.73 7.75
N ASP A 208 1.18 -4.27 6.79
CA ASP A 208 1.41 -5.70 6.64
C ASP A 208 2.40 -6.23 7.67
N THR A 209 3.32 -5.39 8.15
CA THR A 209 4.27 -5.82 9.17
C THR A 209 3.55 -6.19 10.46
N ASN A 210 2.40 -5.58 10.72
CA ASN A 210 1.78 -5.73 12.04
C ASN A 210 0.31 -6.14 12.03
N ALA A 211 -0.32 -6.33 10.87
CA ALA A 211 -1.71 -6.77 10.90
C ALA A 211 -1.86 -8.11 11.62
N ASP A 212 -0.92 -9.03 11.39
CA ASP A 212 -1.03 -10.34 12.03
C ASP A 212 -0.89 -10.26 13.54
N ILE A 213 0.20 -9.66 14.04
CA ILE A 213 0.38 -9.49 15.49
C ILE A 213 -0.82 -8.79 16.11
N LEU A 214 -1.39 -7.79 15.42
CA LEU A 214 -2.52 -7.05 15.97
C LEU A 214 -3.80 -7.87 15.94
N ILE A 215 -4.07 -8.58 14.83
CA ILE A 215 -5.32 -9.34 14.74
C ILE A 215 -5.34 -10.47 15.77
N ALA A 216 -4.16 -11.01 16.09
CA ALA A 216 -4.08 -12.16 16.99
C ALA A 216 -4.55 -11.82 18.40
N GLN A 217 -4.56 -10.54 18.77
CA GLN A 217 -5.02 -10.17 20.10
C GLN A 217 -6.51 -10.49 20.22
N PRO A 218 -6.94 -11.14 21.30
CA PRO A 218 -8.35 -11.59 21.36
C PRO A 218 -9.36 -10.47 21.32
N ALA A 219 -9.00 -9.26 21.72
CA ALA A 219 -9.95 -8.16 21.72
C ALA A 219 -9.89 -7.33 20.45
N VAL A 220 -8.98 -7.63 19.52
CA VAL A 220 -8.85 -6.90 18.26
C VAL A 220 -9.59 -7.71 17.19
N ASN A 221 -10.76 -7.22 16.78
CA ASN A 221 -11.62 -7.99 15.89
C ASN A 221 -11.50 -7.54 14.42
N GLY A 222 -10.43 -6.82 14.07
CA GLY A 222 -10.24 -6.34 12.72
C GLY A 222 -9.67 -4.94 12.73
N PHE A 223 -9.82 -4.23 11.59
CA PHE A 223 -9.25 -2.90 11.44
C PHE A 223 -10.17 -1.96 10.65
N LEU A 224 -10.04 -0.67 10.92
CA LEU A 224 -10.54 0.38 10.04
C LEU A 224 -9.31 1.05 9.44
N ILE A 225 -9.11 0.86 8.14
CA ILE A 225 -7.87 1.24 7.47
C ILE A 225 -8.09 2.50 6.66
N GLY A 226 -7.23 3.50 6.89
CA GLY A 226 -7.36 4.78 6.23
C GLY A 226 -6.61 4.85 4.92
N SER A 227 -5.50 5.59 4.89
CA SER A 227 -4.81 5.86 3.63
C SER A 227 -4.12 4.61 3.10
N ALA A 228 -3.73 3.69 3.98
CA ALA A 228 -3.11 2.45 3.52
C ALA A 228 -4.04 1.65 2.63
N SER A 229 -5.36 1.77 2.85
CA SER A 229 -6.34 1.01 2.06
C SER A 229 -6.56 1.57 0.67
N LEU A 230 -6.01 2.75 0.35
CA LEU A 230 -6.24 3.38 -0.95
C LEU A 230 -5.60 2.62 -2.10
N ASP A 231 -4.57 1.82 -1.82
CA ASP A 231 -3.90 0.99 -2.82
C ASP A 231 -4.53 -0.40 -2.77
N PRO A 232 -5.13 -0.88 -3.85
CA PRO A 232 -5.77 -2.20 -3.80
C PRO A 232 -4.80 -3.32 -3.42
N GLN A 233 -3.59 -3.29 -3.98
CA GLN A 233 -2.60 -4.31 -3.69
C GLN A 233 -2.23 -4.31 -2.22
N LYS A 234 -2.13 -3.13 -1.61
CA LYS A 234 -1.76 -3.06 -0.19
C LYS A 234 -2.89 -3.57 0.70
N PHE A 235 -4.14 -3.19 0.38
CA PHE A 235 -5.28 -3.69 1.14
C PHE A 235 -5.40 -5.20 1.02
N LEU A 236 -5.10 -5.74 -0.18
CA LEU A 236 -5.11 -7.19 -0.39
C LEU A 236 -4.00 -7.87 0.42
N LYS A 237 -2.81 -7.26 0.47
CA LYS A 237 -1.72 -7.86 1.24
C LYS A 237 -2.03 -7.87 2.73
N ILE A 238 -2.71 -6.83 3.23
CA ILE A 238 -3.13 -6.82 4.62
C ILE A 238 -4.12 -7.96 4.88
N LEU A 239 -5.14 -8.08 4.04
CA LEU A 239 -6.13 -9.13 4.26
C LEU A 239 -5.51 -10.52 4.22
N ASP A 240 -4.47 -10.72 3.42
CA ASP A 240 -3.84 -12.02 3.31
C ASP A 240 -3.04 -12.36 4.57
N VAL A 241 -2.35 -11.35 5.12
CA VAL A 241 -1.68 -11.51 6.41
C VAL A 241 -2.69 -11.85 7.50
N VAL A 242 -3.83 -11.16 7.52
CA VAL A 242 -4.90 -11.50 8.46
C VAL A 242 -5.37 -12.93 8.21
N SER A 243 -5.54 -13.29 6.95
CA SER A 243 -5.87 -14.66 6.59
C SER A 243 -4.82 -15.67 7.03
N LYS A 244 -3.70 -15.21 7.59
CA LYS A 244 -2.58 -16.05 8.00
C LYS A 244 -2.05 -16.82 6.79
N MET B 3 17.75 -6.55 -27.21
CA MET B 3 17.21 -6.08 -25.93
C MET B 3 16.30 -7.11 -25.28
N LYS B 4 16.64 -7.56 -24.08
CA LYS B 4 15.76 -8.40 -23.29
C LYS B 4 14.99 -7.54 -22.31
N TYR B 5 13.76 -7.95 -22.00
CA TYR B 5 13.04 -7.34 -20.89
C TYR B 5 13.86 -7.49 -19.62
N LEU B 6 13.86 -6.46 -18.78
CA LEU B 6 14.47 -6.56 -17.45
C LEU B 6 13.36 -6.41 -16.42
N ILE B 7 13.13 -7.48 -15.65
CA ILE B 7 12.09 -7.49 -14.62
C ILE B 7 12.78 -7.79 -13.29
N GLY B 8 12.77 -6.81 -12.40
CA GLY B 8 13.45 -6.91 -11.13
C GLY B 8 12.47 -6.99 -9.98
N ALA B 9 12.85 -7.74 -8.94
CA ALA B 9 12.08 -7.80 -7.70
C ALA B 9 12.86 -6.97 -6.68
N ASN B 10 12.25 -5.88 -6.21
CA ASN B 10 12.85 -5.08 -5.14
C ASN B 10 12.17 -5.48 -3.83
N PHE B 11 12.81 -6.39 -3.09
CA PHE B 11 12.25 -6.85 -1.82
C PHE B 11 12.25 -5.76 -0.75
N LYS B 12 13.08 -4.72 -0.91
CA LYS B 12 13.22 -3.64 0.07
C LYS B 12 13.65 -4.29 1.39
N MET B 13 13.16 -3.84 2.54
CA MET B 13 13.57 -4.41 3.83
C MET B 13 12.56 -5.47 4.27
N TYR B 14 12.51 -6.56 3.51
CA TYR B 14 11.55 -7.62 3.77
C TYR B 14 12.24 -8.97 3.73
N LYS B 15 11.75 -9.89 4.57
CA LYS B 15 11.99 -11.34 4.55
C LYS B 15 13.11 -11.74 5.50
N SER B 16 12.77 -12.51 6.54
CA SER B 16 13.76 -13.24 7.32
C SER B 16 14.56 -14.18 6.40
N HIS B 17 15.58 -14.83 6.97
CA HIS B 17 16.30 -15.84 6.19
C HIS B 17 15.40 -17.00 5.79
N LYS B 18 14.46 -17.37 6.65
CA LYS B 18 13.54 -18.46 6.31
C LYS B 18 12.57 -18.02 5.21
N ASP B 19 12.06 -16.80 5.30
CA ASP B 19 11.22 -16.28 4.22
C ASP B 19 11.96 -16.29 2.89
N LEU B 20 13.24 -15.92 2.90
CA LEU B 20 14.01 -15.87 1.65
C LEU B 20 14.25 -17.27 1.11
N GLN B 21 14.58 -18.22 1.98
CA GLN B 21 14.74 -19.60 1.54
C GLN B 21 13.44 -20.15 0.95
N GLU B 22 12.31 -19.96 1.65
CA GLU B 22 11.04 -20.45 1.13
C GLU B 22 10.64 -19.71 -0.16
N TYR B 23 11.05 -18.45 -0.30
CA TYR B 23 10.80 -17.76 -1.58
C TYR B 23 11.58 -18.42 -2.70
N PHE B 24 12.89 -18.63 -2.49
CA PHE B 24 13.71 -19.18 -3.56
C PHE B 24 13.32 -20.61 -3.91
N ASP B 25 12.83 -21.38 -2.93
CA ASP B 25 12.38 -22.74 -3.24
C ASP B 25 11.13 -22.70 -4.11
N GLN B 26 10.11 -21.94 -3.69
CA GLN B 26 8.92 -21.79 -4.51
C GLN B 26 9.28 -21.23 -5.87
N PHE B 27 10.22 -20.29 -5.91
CA PHE B 27 10.47 -19.58 -7.16
C PHE B 27 11.35 -20.39 -8.11
N VAL B 28 12.48 -20.91 -7.62
CA VAL B 28 13.41 -21.56 -8.53
C VAL B 28 12.92 -22.93 -8.96
N ASN B 29 11.96 -23.54 -8.25
CA ASN B 29 11.30 -24.75 -8.71
C ASN B 29 10.21 -24.49 -9.73
N ASN B 30 9.85 -23.23 -10.02
CA ASN B 30 8.73 -22.94 -10.89
C ASN B 30 9.00 -21.90 -11.98
N TYR B 31 10.10 -21.15 -11.91
CA TYR B 31 10.37 -20.15 -12.93
C TYR B 31 10.95 -20.83 -14.16
N ALA B 32 10.46 -20.42 -15.34
CA ALA B 32 10.78 -21.10 -16.60
C ALA B 32 12.04 -20.56 -17.28
N CYS B 33 12.70 -19.57 -16.68
CA CYS B 33 13.90 -18.96 -17.23
C CYS B 33 13.68 -18.48 -18.67
N PHE B 34 12.55 -17.78 -18.86
CA PHE B 34 12.16 -17.27 -20.19
C PHE B 34 13.33 -16.58 -20.90
N VAL B 35 13.53 -16.96 -22.17
CA VAL B 35 14.72 -16.55 -22.91
C VAL B 35 14.78 -15.04 -23.10
N ASN B 36 13.63 -14.38 -23.11
CA ASN B 36 13.54 -12.95 -23.40
C ASN B 36 13.40 -12.08 -22.16
N ILE B 37 13.63 -12.63 -20.97
CA ILE B 37 13.53 -11.88 -19.72
C ILE B 37 14.87 -11.96 -19.01
N ASP B 38 15.43 -10.81 -18.63
CA ASP B 38 16.48 -10.74 -17.62
C ASP B 38 15.78 -10.68 -16.28
N LEU B 39 15.92 -11.71 -15.45
CA LEU B 39 15.23 -11.74 -14.17
C LEU B 39 16.22 -11.41 -13.07
N MET B 40 15.87 -10.39 -12.30
CA MET B 40 16.72 -9.88 -11.24
C MET B 40 15.92 -9.92 -9.95
N ILE B 41 16.55 -10.37 -8.85
CA ILE B 41 15.97 -10.29 -7.53
C ILE B 41 16.95 -9.54 -6.64
N ALA B 42 16.45 -8.53 -5.92
CA ALA B 42 17.25 -7.69 -5.03
C ALA B 42 16.76 -7.88 -3.60
N PRO B 43 17.36 -8.79 -2.85
CA PRO B 43 16.99 -8.95 -1.45
C PRO B 43 17.65 -7.86 -0.58
N MET B 44 17.15 -7.78 0.65
CA MET B 44 17.81 -7.03 1.71
C MET B 44 19.32 -7.29 1.68
N THR B 45 20.10 -6.21 1.86
CA THR B 45 21.54 -6.28 1.69
C THR B 45 22.20 -7.28 2.64
N VAL B 46 21.71 -7.36 3.87
CA VAL B 46 22.34 -8.26 4.84
C VAL B 46 22.12 -9.72 4.45
N CYS B 47 21.21 -9.99 3.52
CA CYS B 47 20.90 -11.34 3.07
C CYS B 47 21.47 -11.64 1.69
N LEU B 48 22.33 -10.77 1.14
CA LEU B 48 22.80 -11.00 -0.22
C LEU B 48 23.74 -12.18 -0.30
N GLY B 49 24.47 -12.47 0.77
CA GLY B 49 25.31 -13.67 0.78
C GLY B 49 24.49 -14.93 0.61
N THR B 50 23.40 -15.06 1.37
CA THR B 50 22.53 -16.22 1.24
C THR B 50 21.88 -16.27 -0.13
N ALA B 51 21.30 -15.15 -0.57
CA ALA B 51 20.74 -15.08 -1.92
C ALA B 51 21.78 -15.49 -2.96
N SER B 52 23.00 -14.99 -2.81
CA SER B 52 24.12 -15.34 -3.70
C SER B 52 24.25 -16.85 -3.93
N GLU B 53 24.12 -17.64 -2.86
CA GLU B 53 24.23 -19.09 -2.99
C GLU B 53 23.03 -19.71 -3.69
N MET B 54 21.93 -18.96 -3.80
CA MET B 54 20.73 -19.45 -4.47
C MET B 54 20.61 -18.95 -5.90
N THR B 55 21.28 -17.86 -6.26
CA THR B 55 21.30 -17.37 -7.64
C THR B 55 22.53 -17.84 -8.40
N LYS B 56 23.54 -18.40 -7.72
CA LYS B 56 24.75 -18.86 -8.37
C LYS B 56 24.48 -20.00 -9.35
N ASP B 57 23.44 -20.79 -9.12
CA ASP B 57 23.07 -21.93 -9.95
C ASP B 57 21.70 -21.74 -10.57
N SER B 58 21.43 -20.52 -11.02
CA SER B 58 20.09 -20.10 -11.37
C SER B 58 20.19 -19.16 -12.56
N CYS B 59 19.10 -19.07 -13.33
CA CYS B 59 19.03 -18.02 -14.34
C CYS B 59 18.72 -16.66 -13.72
N VAL B 60 18.43 -16.61 -12.42
CA VAL B 60 18.16 -15.36 -11.73
C VAL B 60 19.45 -14.57 -11.60
N HIS B 61 19.36 -13.25 -11.78
CA HIS B 61 20.48 -12.34 -11.58
C HIS B 61 20.35 -11.69 -10.21
N LEU B 62 21.41 -11.77 -9.41
CA LEU B 62 21.43 -11.07 -8.12
C LEU B 62 21.53 -9.57 -8.32
N GLY B 63 20.61 -8.83 -7.70
CA GLY B 63 20.71 -7.38 -7.62
C GLY B 63 20.85 -6.92 -6.17
N ALA B 64 21.49 -5.76 -6.00
CA ALA B 64 21.62 -5.12 -4.69
C ALA B 64 20.75 -3.88 -4.61
N GLN B 65 20.27 -3.56 -3.41
CA GLN B 65 19.36 -2.42 -3.27
C GLN B 65 20.08 -1.08 -3.17
N ASN B 66 21.38 -1.08 -2.90
CA ASN B 66 22.15 0.14 -2.71
C ASN B 66 23.62 -0.25 -2.71
N MET B 67 24.48 0.74 -2.67
CA MET B 67 25.90 0.53 -2.86
C MET B 67 26.61 1.85 -2.62
N HIS B 68 27.79 1.79 -2.01
CA HIS B 68 28.59 3.01 -1.90
C HIS B 68 29.34 3.24 -3.21
N TYR B 69 29.95 4.41 -3.34
CA TYR B 69 30.71 4.69 -4.56
C TYR B 69 32.20 4.40 -4.39
N GLU B 70 32.69 4.24 -3.17
CA GLU B 70 34.09 3.90 -2.94
C GLU B 70 34.27 2.39 -2.86
N ASP B 71 35.48 1.93 -3.16
CA ASP B 71 35.78 0.51 -3.03
C ASP B 71 35.90 0.10 -1.56
N GLN B 72 36.55 0.95 -0.76
CA GLN B 72 36.68 0.70 0.67
C GLN B 72 36.95 2.04 1.34
N GLY B 73 36.65 2.12 2.62
CA GLY B 73 37.01 3.30 3.39
C GLY B 73 36.10 3.48 4.59
N ALA B 74 36.21 4.66 5.19
CA ALA B 74 35.59 4.98 6.47
C ALA B 74 34.13 5.39 6.26
N TYR B 75 33.30 4.40 5.91
CA TYR B 75 31.90 4.63 5.58
C TYR B 75 31.06 3.64 6.38
N THR B 76 30.96 3.90 7.68
CA THR B 76 30.30 2.97 8.58
C THR B 76 28.89 2.66 8.08
N GLY B 77 28.60 1.36 7.94
CA GLY B 77 27.29 0.88 7.54
C GLY B 77 27.06 0.80 6.05
N GLU B 78 28.08 1.10 5.24
CA GLU B 78 27.94 1.08 3.80
C GLU B 78 28.42 -0.25 3.22
N THR B 79 28.11 -0.44 1.93
CA THR B 79 28.31 -1.71 1.23
C THR B 79 29.25 -1.49 0.06
N SER B 80 30.32 -2.28 0.00
CA SER B 80 31.30 -1.95 -1.03
C SER B 80 30.99 -2.67 -2.35
N PRO B 81 31.17 -1.99 -3.48
CA PRO B 81 30.98 -2.66 -4.77
C PRO B 81 31.86 -3.89 -4.93
N LEU B 82 33.05 -3.89 -4.32
CA LEU B 82 33.92 -5.05 -4.40
C LEU B 82 33.23 -6.29 -3.86
N ILE B 83 32.40 -6.12 -2.84
CA ILE B 83 31.73 -7.27 -2.25
C ILE B 83 30.56 -7.72 -3.12
N LEU B 84 29.82 -6.76 -3.68
CA LEU B 84 28.77 -7.13 -4.62
C LEU B 84 29.35 -7.87 -5.81
N LYS B 85 30.53 -7.47 -6.28
CA LYS B 85 31.16 -8.20 -7.37
C LYS B 85 31.50 -9.61 -6.93
N GLU B 86 32.05 -9.74 -5.71
CA GLU B 86 32.38 -11.06 -5.17
C GLU B 86 31.17 -11.97 -5.13
N LEU B 87 30.01 -11.45 -4.73
CA LEU B 87 28.83 -12.30 -4.61
C LEU B 87 28.14 -12.58 -5.94
N GLY B 88 28.62 -12.02 -7.05
CA GLY B 88 27.93 -12.22 -8.32
C GLY B 88 26.76 -11.28 -8.56
N ALA B 89 26.68 -10.17 -7.83
CA ALA B 89 25.65 -9.18 -8.11
C ALA B 89 25.88 -8.60 -9.49
N GLU B 90 24.87 -8.66 -10.35
CA GLU B 90 25.00 -8.10 -11.69
C GLU B 90 24.23 -6.81 -11.89
N TYR B 91 23.35 -6.45 -10.95
CA TYR B 91 22.58 -5.21 -10.99
C TYR B 91 22.71 -4.52 -9.64
N VAL B 92 22.53 -3.20 -9.63
CA VAL B 92 22.43 -2.43 -8.38
C VAL B 92 21.37 -1.36 -8.56
N ILE B 93 20.44 -1.27 -7.61
CA ILE B 93 19.44 -0.21 -7.61
C ILE B 93 20.07 1.05 -7.02
N ILE B 94 20.09 2.13 -7.80
CA ILE B 94 20.77 3.36 -7.43
C ILE B 94 19.74 4.47 -7.35
N GLY B 95 19.78 5.24 -6.28
CA GLY B 95 18.93 6.41 -6.18
C GLY B 95 17.46 6.14 -6.10
N HIS B 96 17.06 4.99 -5.57
CA HIS B 96 15.66 4.75 -5.22
C HIS B 96 15.09 5.90 -4.40
N SER B 97 13.82 6.22 -4.67
CA SER B 97 13.16 7.35 -3.98
C SER B 97 13.23 7.22 -2.47
N GLU B 98 13.24 6.01 -1.92
CA GLU B 98 13.31 5.90 -0.47
C GLU B 98 14.67 6.34 0.06
N ARG B 99 15.76 6.10 -0.70
CA ARG B 99 17.06 6.61 -0.30
C ARG B 99 17.10 8.14 -0.39
N ARG B 100 16.45 8.71 -1.41
CA ARG B 100 16.42 10.16 -1.52
C ARG B 100 15.64 10.79 -0.39
N GLN B 101 14.52 10.17 0.01
CA GLN B 101 13.65 10.80 1.01
C GLN B 101 14.22 10.64 2.41
N TYR B 102 14.77 9.47 2.75
CA TYR B 102 15.09 9.13 4.14
C TYR B 102 16.56 9.23 4.49
N PHE B 103 17.48 9.01 3.54
CA PHE B 103 18.86 8.73 3.95
C PHE B 103 19.89 9.57 3.21
N GLY B 104 19.56 10.82 2.89
CA GLY B 104 20.56 11.72 2.33
C GLY B 104 21.11 11.36 0.97
N GLU B 105 20.40 10.56 0.18
CA GLU B 105 20.83 10.27 -1.18
C GLU B 105 20.64 11.50 -2.07
N THR B 106 21.73 12.01 -2.64
CA THR B 106 21.72 13.17 -3.51
C THR B 106 21.99 12.77 -4.95
N ASN B 107 21.70 13.68 -5.88
CA ASN B 107 22.05 13.42 -7.27
C ASN B 107 23.56 13.32 -7.46
N GLN B 108 24.33 14.06 -6.67
CA GLN B 108 25.78 14.04 -6.81
C GLN B 108 26.37 12.71 -6.36
N MET B 109 25.78 12.11 -5.33
CA MET B 109 26.24 10.83 -4.83
C MET B 109 25.77 9.71 -5.76
N ILE B 110 24.54 9.84 -6.27
CA ILE B 110 24.03 8.94 -7.30
C ILE B 110 24.97 8.94 -8.49
N ASN B 111 25.45 10.12 -8.90
CA ASN B 111 26.36 10.20 -10.03
C ASN B 111 27.65 9.41 -9.76
N LYS B 112 28.18 9.51 -8.53
CA LYS B 112 29.37 8.71 -8.21
C LYS B 112 29.06 7.23 -8.18
N LYS B 113 27.87 6.86 -7.69
CA LYS B 113 27.52 5.44 -7.61
C LYS B 113 27.37 4.81 -8.99
N LEU B 114 26.75 5.53 -9.94
CA LEU B 114 26.64 5.01 -11.30
C LEU B 114 28.01 4.86 -11.93
N LYS B 115 28.89 5.84 -11.71
CA LYS B 115 30.24 5.74 -12.25
C LYS B 115 30.97 4.53 -11.67
N SER B 116 30.88 4.33 -10.35
CA SER B 116 31.50 3.17 -9.73
C SER B 116 30.91 1.87 -10.26
N ALA B 117 29.58 1.79 -10.35
CA ALA B 117 28.95 0.57 -10.84
C ALA B 117 29.44 0.20 -12.24
N LEU B 118 29.65 1.20 -13.11
CA LEU B 118 30.17 0.92 -14.44
C LEU B 118 31.66 0.55 -14.39
N GLN B 119 32.44 1.21 -13.51
CA GLN B 119 33.84 0.84 -13.37
C GLN B 119 33.98 -0.63 -13.02
N HIS B 120 33.10 -1.14 -12.18
CA HIS B 120 33.13 -2.50 -11.69
C HIS B 120 32.26 -3.42 -12.51
N GLY B 121 31.73 -2.95 -13.62
CA GLY B 121 30.90 -3.79 -14.46
C GLY B 121 29.63 -4.29 -13.79
N ILE B 122 29.08 -3.52 -12.85
CA ILE B 122 27.77 -3.82 -12.30
C ILE B 122 26.76 -2.98 -13.06
N ARG B 123 25.67 -3.60 -13.48
CA ARG B 123 24.71 -2.86 -14.29
C ARG B 123 23.80 -2.04 -13.39
N PRO B 124 23.99 -0.73 -13.30
CA PRO B 124 23.18 0.05 -12.36
C PRO B 124 21.80 0.29 -12.92
N ILE B 125 20.80 0.29 -12.04
CA ILE B 125 19.42 0.63 -12.39
C ILE B 125 19.13 1.97 -11.72
N LEU B 126 19.11 3.06 -12.51
CA LEU B 126 18.91 4.39 -11.95
C LEU B 126 17.41 4.65 -11.78
N CYS B 127 17.00 5.01 -10.57
CA CYS B 127 15.61 5.27 -10.26
C CYS B 127 15.34 6.76 -10.32
N ILE B 128 14.31 7.14 -11.08
CA ILE B 128 13.83 8.50 -11.13
C ILE B 128 12.32 8.48 -10.98
N GLY B 129 11.76 9.64 -10.66
CA GLY B 129 10.34 9.75 -10.42
C GLY B 129 9.94 11.05 -9.76
N GLU B 130 8.83 11.61 -10.26
CA GLU B 130 8.24 12.81 -9.69
C GLU B 130 7.18 12.44 -8.66
N ASN B 131 6.94 13.36 -7.72
CA ASN B 131 5.87 13.13 -6.74
C ASN B 131 4.54 13.62 -7.30
N LEU B 132 3.50 13.51 -6.46
CA LEU B 132 2.15 13.86 -6.92
C LEU B 132 2.05 15.36 -7.20
N GLU B 133 2.59 16.19 -6.31
CA GLU B 133 2.55 17.63 -6.51
C GLU B 133 3.26 18.03 -7.80
N GLN B 134 4.43 17.44 -8.05
CA GLN B 134 5.16 17.77 -9.27
C GLN B 134 4.35 17.41 -10.51
N LYS B 135 3.60 16.31 -10.46
CA LYS B 135 2.72 15.96 -11.57
C LYS B 135 1.59 16.97 -11.70
N GLU B 136 0.93 17.30 -10.58
CA GLU B 136 -0.19 18.25 -10.63
C GLU B 136 0.28 19.61 -11.14
N LEU B 137 1.48 20.05 -10.77
CA LEU B 137 2.04 21.27 -11.32
C LEU B 137 2.46 21.12 -12.77
N GLY B 138 2.37 19.94 -13.35
CA GLY B 138 2.76 19.81 -14.74
C GLY B 138 4.25 19.91 -14.98
N ILE B 139 5.07 19.41 -14.05
CA ILE B 139 6.52 19.44 -14.23
C ILE B 139 7.09 18.03 -14.07
N SER B 140 6.31 17.01 -14.45
CA SER B 140 6.78 15.64 -14.36
C SER B 140 8.02 15.42 -15.21
N LYS B 141 7.89 15.64 -16.52
CA LYS B 141 9.01 15.41 -17.41
C LYS B 141 10.20 16.28 -17.05
N GLU B 142 9.93 17.53 -16.65
CA GLU B 142 11.01 18.44 -16.28
C GLU B 142 11.72 17.97 -15.03
N THR B 143 10.97 17.47 -14.06
CA THR B 143 11.59 16.90 -12.86
C THR B 143 12.50 15.75 -13.23
N LEU B 144 12.04 14.88 -14.13
CA LEU B 144 12.82 13.71 -14.51
C LEU B 144 14.09 14.09 -15.25
N LYS B 145 14.01 15.12 -16.11
CA LYS B 145 15.18 15.48 -16.89
C LYS B 145 16.30 15.96 -15.99
N ILE B 146 15.94 16.70 -14.93
CA ILE B 146 16.95 17.20 -14.02
C ILE B 146 17.56 16.05 -13.23
N GLN B 147 16.72 15.17 -12.68
CA GLN B 147 17.22 13.98 -12.00
C GLN B 147 18.15 13.19 -12.91
N LEU B 148 17.80 13.08 -14.21
CA LEU B 148 18.60 12.27 -15.12
C LEU B 148 19.92 12.97 -15.46
N ARG B 149 19.87 14.27 -15.73
CA ARG B 149 21.06 14.96 -16.20
C ARG B 149 22.08 15.14 -15.11
N GLU B 150 21.63 15.48 -13.90
CA GLU B 150 22.58 15.55 -12.79
C GLU B 150 23.09 14.18 -12.40
N ALA B 151 22.29 13.12 -12.62
CA ALA B 151 22.74 11.78 -12.28
C ALA B 151 23.76 11.28 -13.28
N LEU B 152 23.50 11.52 -14.57
CA LEU B 152 24.27 10.93 -15.65
C LEU B 152 25.42 11.81 -16.10
N GLN B 153 25.63 12.96 -15.46
CA GLN B 153 26.63 13.89 -15.95
C GLN B 153 28.04 13.29 -15.93
N GLY B 154 28.76 13.49 -17.02
CA GLY B 154 30.13 13.04 -17.16
C GLY B 154 30.29 11.58 -17.51
N ILE B 155 29.21 10.86 -17.77
CA ILE B 155 29.24 9.44 -18.12
C ILE B 155 29.12 9.32 -19.63
N ASP B 156 30.11 8.70 -20.27
CA ASP B 156 30.20 8.70 -21.74
C ASP B 156 29.31 7.64 -22.38
N THR B 157 29.17 6.47 -21.76
CA THR B 157 28.46 5.34 -22.36
C THR B 157 27.22 5.03 -21.52
N LEU B 158 26.12 5.70 -21.86
CA LEU B 158 24.87 5.51 -21.12
C LEU B 158 24.18 4.19 -21.44
N ASP B 159 24.57 3.50 -22.52
CA ASP B 159 23.88 2.28 -22.90
C ASP B 159 24.08 1.17 -21.88
N GLN B 160 25.09 1.29 -21.02
CA GLN B 160 25.31 0.34 -19.94
C GLN B 160 24.46 0.62 -18.71
N ILE B 161 23.60 1.63 -18.75
CA ILE B 161 22.76 2.02 -17.62
C ILE B 161 21.32 1.72 -17.97
N ASP B 162 20.60 1.09 -17.04
CA ASP B 162 19.16 0.96 -17.16
C ASP B 162 18.49 2.00 -16.27
N VAL B 163 17.22 2.30 -16.54
CA VAL B 163 16.48 3.30 -15.78
C VAL B 163 15.14 2.73 -15.35
N ALA B 164 14.79 2.94 -14.08
CA ALA B 164 13.46 2.65 -13.59
C ALA B 164 12.71 3.96 -13.41
N TYR B 165 11.60 4.12 -14.12
CA TYR B 165 10.71 5.24 -13.83
C TYR B 165 9.84 4.83 -12.64
N GLU B 166 10.08 5.47 -11.51
CA GLU B 166 9.44 5.15 -10.24
C GLU B 166 8.72 6.43 -9.78
N PRO B 167 7.49 6.66 -10.22
CA PRO B 167 6.74 7.82 -9.72
C PRO B 167 6.50 7.73 -8.23
N VAL B 168 6.79 8.81 -7.52
CA VAL B 168 6.70 8.87 -6.07
C VAL B 168 5.28 9.29 -5.67
N ARG B 169 4.65 8.51 -4.81
CA ARG B 169 3.23 8.69 -4.50
C ARG B 169 3.03 8.39 -3.02
N ALA B 170 2.75 9.42 -2.22
CA ALA B 170 2.47 9.20 -0.81
C ALA B 170 1.17 8.44 -0.62
N ILE B 171 0.17 8.70 -1.48
CA ILE B 171 -1.09 7.96 -1.48
C ILE B 171 -0.95 6.78 -2.42
N GLY B 172 -1.43 5.62 -1.98
CA GLY B 172 -1.58 4.50 -2.88
C GLY B 172 -2.73 4.70 -3.85
N THR B 173 -2.56 4.18 -5.06
CA THR B 173 -3.63 4.17 -6.04
C THR B 173 -3.80 2.83 -6.72
N GLY B 174 -2.79 1.97 -6.72
CA GLY B 174 -2.74 0.83 -7.62
C GLY B 174 -2.49 1.20 -9.07
N LYS B 175 -2.47 2.51 -9.41
CA LYS B 175 -2.22 2.98 -10.77
C LYS B 175 -1.63 4.40 -10.63
N SER B 176 -0.34 4.45 -10.29
CA SER B 176 0.30 5.76 -10.15
C SER B 176 0.48 6.49 -11.47
N ALA B 177 0.12 5.86 -12.59
CA ALA B 177 0.01 6.55 -13.87
C ALA B 177 -0.79 5.68 -14.83
N THR B 178 -1.39 6.32 -15.82
CA THR B 178 -2.08 5.52 -16.82
C THR B 178 -1.06 4.95 -17.81
N PRO B 179 -1.36 3.81 -18.43
CA PRO B 179 -0.42 3.24 -19.42
C PRO B 179 0.04 4.23 -20.48
N GLU B 180 -0.87 5.03 -21.03
CA GLU B 180 -0.45 6.02 -22.02
C GLU B 180 0.52 7.02 -21.40
N GLU B 181 0.26 7.44 -20.16
CA GLU B 181 1.20 8.31 -19.44
C GLU B 181 2.56 7.63 -19.30
N VAL B 182 2.58 6.35 -18.94
CA VAL B 182 3.86 5.67 -18.78
C VAL B 182 4.61 5.67 -20.10
N GLN B 183 3.91 5.32 -21.18
CA GLN B 183 4.53 5.32 -22.50
C GLN B 183 5.15 6.68 -22.80
N ASP B 184 4.37 7.73 -22.63
CA ASP B 184 4.85 9.09 -22.89
C ASP B 184 6.09 9.41 -22.05
N ILE B 185 6.04 9.10 -20.77
CA ILE B 185 7.19 9.34 -19.89
C ILE B 185 8.40 8.58 -20.39
N HIS B 186 8.21 7.27 -20.66
CA HIS B 186 9.30 6.43 -21.11
C HIS B 186 9.89 6.93 -22.43
N GLU B 187 9.03 7.34 -23.38
CA GLU B 187 9.54 7.97 -24.59
C GLU B 187 10.42 9.16 -24.25
N TYR B 188 9.92 10.04 -23.37
CA TYR B 188 10.71 11.20 -22.99
C TYR B 188 12.06 10.76 -22.46
N ILE B 189 12.04 9.86 -21.46
CA ILE B 189 13.28 9.37 -20.87
C ILE B 189 14.20 8.83 -21.95
N ARG B 190 13.65 8.03 -22.87
CA ARG B 190 14.46 7.48 -23.94
C ARG B 190 15.15 8.58 -24.72
N SER B 191 14.43 9.69 -24.93
CA SER B 191 15.02 10.83 -25.63
C SER B 191 16.19 11.40 -24.86
N VAL B 192 15.99 11.68 -23.57
CA VAL B 192 17.08 12.17 -22.75
C VAL B 192 18.25 11.20 -22.75
N LEU B 193 17.95 9.90 -22.77
CA LEU B 193 19.01 8.90 -22.67
C LEU B 193 19.82 8.83 -23.96
N GLY B 194 19.23 9.18 -25.09
CA GLY B 194 19.94 9.21 -26.36
C GLY B 194 20.48 7.88 -26.79
N ASN B 195 19.77 6.80 -26.48
CA ASN B 195 20.30 5.45 -26.51
C ASN B 195 19.14 4.49 -26.65
N GLU B 196 19.31 3.44 -27.46
CA GLU B 196 18.27 2.45 -27.66
C GLU B 196 18.50 1.15 -26.90
N LYS B 197 19.65 1.00 -26.21
CA LYS B 197 20.00 -0.22 -25.48
C LYS B 197 19.58 -0.19 -24.02
N SER B 198 19.68 0.95 -23.33
CA SER B 198 19.14 1.07 -21.98
C SER B 198 17.72 0.52 -21.93
N ARG B 199 17.45 -0.30 -20.94
CA ARG B 199 16.08 -0.63 -20.61
C ARG B 199 15.50 0.48 -19.73
N ILE B 200 14.28 0.90 -20.06
CA ILE B 200 13.53 1.84 -19.25
C ILE B 200 12.37 1.05 -18.66
N ILE B 201 12.42 0.78 -17.37
CA ILE B 201 11.44 -0.11 -16.72
C ILE B 201 10.55 0.70 -15.79
N TYR B 202 9.28 0.33 -15.74
CA TYR B 202 8.30 1.04 -14.94
C TYR B 202 8.30 0.49 -13.53
N GLY B 203 8.65 1.34 -12.57
CA GLY B 203 8.64 0.92 -11.18
C GLY B 203 7.48 1.54 -10.43
N GLY B 204 6.45 2.00 -11.15
CA GLY B 204 5.25 2.43 -10.48
C GLY B 204 4.50 1.25 -9.92
N SER B 205 3.21 1.42 -9.64
CA SER B 205 2.38 0.33 -9.11
C SER B 205 2.17 -0.71 -10.19
N VAL B 206 2.90 -1.83 -10.12
CA VAL B 206 2.77 -2.93 -11.08
C VAL B 206 2.28 -4.16 -10.33
N ASN B 207 1.23 -4.78 -10.87
CA ASN B 207 0.73 -6.02 -10.31
C ASN B 207 0.21 -6.90 -11.44
N ASP B 208 -0.35 -8.05 -11.07
CA ASP B 208 -0.76 -9.05 -12.04
C ASP B 208 -1.99 -8.64 -12.85
N THR B 209 -2.76 -7.63 -12.44
CA THR B 209 -3.92 -7.21 -13.22
C THR B 209 -3.64 -6.06 -14.19
N ASN B 210 -2.47 -5.43 -14.14
CA ASN B 210 -2.13 -4.41 -15.14
C ASN B 210 -0.82 -4.68 -15.86
N ALA B 211 -0.06 -5.70 -15.47
CA ALA B 211 1.24 -5.93 -16.08
C ALA B 211 1.14 -6.11 -17.59
N ASP B 212 0.01 -6.59 -18.09
CA ASP B 212 -0.11 -6.86 -19.52
C ASP B 212 -0.22 -5.57 -20.31
N ILE B 213 -1.15 -4.69 -19.93
CA ILE B 213 -1.30 -3.44 -20.66
C ILE B 213 -0.08 -2.54 -20.47
N LEU B 214 0.65 -2.69 -19.35
CA LEU B 214 1.85 -1.89 -19.14
C LEU B 214 3.01 -2.35 -20.02
N ILE B 215 3.35 -3.65 -19.94
CA ILE B 215 4.47 -4.17 -20.73
C ILE B 215 4.15 -4.10 -22.21
N ALA B 216 2.87 -4.00 -22.58
CA ALA B 216 2.49 -3.87 -23.99
C ALA B 216 3.04 -2.58 -24.58
N GLN B 217 3.16 -1.53 -23.78
CA GLN B 217 3.67 -0.26 -24.31
C GLN B 217 5.09 -0.46 -24.84
N PRO B 218 5.41 0.06 -26.02
CA PRO B 218 6.71 -0.24 -26.63
C PRO B 218 7.89 0.42 -25.93
N ALA B 219 7.67 1.52 -25.23
CA ALA B 219 8.76 2.12 -24.47
C ALA B 219 8.97 1.48 -23.10
N VAL B 220 8.07 0.60 -22.66
CA VAL B 220 8.20 -0.11 -21.38
C VAL B 220 9.04 -1.36 -21.59
N ASN B 221 10.29 -1.33 -21.12
CA ASN B 221 11.26 -2.41 -21.33
C ASN B 221 11.31 -3.42 -20.16
N GLY B 222 10.28 -3.48 -19.30
CA GLY B 222 10.27 -4.34 -18.14
C GLY B 222 9.72 -3.59 -16.93
N PHE B 223 9.90 -4.19 -15.74
CA PHE B 223 9.40 -3.62 -14.49
C PHE B 223 10.47 -3.67 -13.40
N LEU B 224 10.34 -2.76 -12.42
CA LEU B 224 11.01 -2.88 -11.12
C LEU B 224 9.89 -2.95 -10.10
N ILE B 225 9.63 -4.15 -9.59
CA ILE B 225 8.43 -4.40 -8.80
C ILE B 225 8.79 -4.46 -7.33
N GLY B 226 8.06 -3.70 -6.50
CA GLY B 226 8.27 -3.79 -5.08
C GLY B 226 7.38 -4.82 -4.41
N SER B 227 6.31 -4.33 -3.80
CA SER B 227 5.45 -5.13 -2.92
C SER B 227 4.96 -6.41 -3.61
N ALA B 228 4.56 -6.30 -4.89
CA ALA B 228 4.00 -7.47 -5.57
C ALA B 228 5.02 -8.59 -5.72
N SER B 229 6.32 -8.26 -5.72
CA SER B 229 7.34 -9.27 -5.91
C SER B 229 7.61 -10.10 -4.64
N LEU B 230 7.03 -9.73 -3.50
CA LEU B 230 7.30 -10.46 -2.27
C LEU B 230 6.50 -11.75 -2.17
N ASP B 231 5.38 -11.86 -2.88
CA ASP B 231 4.64 -13.11 -2.96
C ASP B 231 5.14 -13.88 -4.17
N PRO B 232 5.79 -15.04 -3.98
CA PRO B 232 6.36 -15.75 -5.14
C PRO B 232 5.34 -16.09 -6.23
N GLN B 233 4.12 -16.48 -5.85
CA GLN B 233 3.10 -16.82 -6.85
C GLN B 233 2.68 -15.61 -7.68
N LYS B 234 2.43 -14.48 -7.02
CA LYS B 234 2.06 -13.28 -7.75
C LYS B 234 3.16 -12.85 -8.71
N PHE B 235 4.41 -12.93 -8.25
CA PHE B 235 5.52 -12.53 -9.12
C PHE B 235 5.67 -13.48 -10.30
N LEU B 236 5.37 -14.77 -10.11
CA LEU B 236 5.40 -15.69 -11.24
C LEU B 236 4.28 -15.38 -12.23
N LYS B 237 3.08 -15.07 -11.73
CA LYS B 237 1.97 -14.73 -12.62
C LYS B 237 2.34 -13.54 -13.49
N ILE B 238 3.06 -12.56 -12.93
CA ILE B 238 3.46 -11.39 -13.70
C ILE B 238 4.49 -11.78 -14.75
N LEU B 239 5.44 -12.63 -14.38
CA LEU B 239 6.44 -13.06 -15.36
C LEU B 239 5.81 -13.84 -16.50
N ASP B 240 4.78 -14.64 -16.20
CA ASP B 240 4.04 -15.35 -17.25
C ASP B 240 3.39 -14.37 -18.22
N VAL B 241 2.75 -13.33 -17.70
CA VAL B 241 2.15 -12.31 -18.55
C VAL B 241 3.21 -11.70 -19.46
N VAL B 242 4.39 -11.37 -18.90
CA VAL B 242 5.44 -10.75 -19.69
C VAL B 242 5.92 -11.67 -20.81
N SER B 243 6.07 -12.96 -20.53
CA SER B 243 6.41 -13.88 -21.61
C SER B 243 5.26 -14.09 -22.58
N LYS B 244 4.13 -13.41 -22.38
CA LYS B 244 2.92 -13.51 -23.21
C LYS B 244 2.36 -14.93 -23.20
#